data_7RV7
#
_entry.id   7RV7
#
_cell.length_a   30.556
_cell.length_b   74.943
_cell.length_c   53.083
_cell.angle_alpha   90.000
_cell.angle_beta   104.920
_cell.angle_gamma   90.000
#
_symmetry.space_group_name_H-M   'C 1 2 1'
#
loop_
_entity.id
_entity.type
_entity.pdbx_description
1 polymer 'Isoform 2 of B-cell lymphoma 6 protein'
2 non-polymer N-(3-chloropyridin-4-yl)-2-{5-(3-cyano-4-hydroxyphenyl)-3-[3-(1-methyl-1H-pyrazol-4-yl)prop-2-yn-1-yl]-4-oxo-3,4-dihydro-7H-pyrrolo[2,3-d]pyrimidin-7-yl}acetamide
3 non-polymer GLYCEROL
4 non-polymer 'CALCIUM ION'
5 water water
#
_entity_poly.entity_id   1
_entity_poly.type   'polypeptide(L)'
_entity_poly.pdbx_seq_one_letter_code
;GSADSQIQFTRHASDVLLNLNRLRSRDILTDVVIVVSREQFRAHKTVLMACSGLFYSIFTDQLKRNLSVINLDPEINPEG
FNILLDFMYTSRLNLREGNIMAVMATAMYLQMEHVVDTCRKFIKASE
;
_entity_poly.pdbx_strand_id   A
#
# COMPACT_ATOMS: atom_id res chain seq x y z
N SER A 5 29.39 13.60 4.64
CA SER A 5 29.02 14.79 5.39
C SER A 5 27.88 15.51 4.69
N GLN A 6 26.98 14.74 4.09
CA GLN A 6 25.77 15.32 3.57
C GLN A 6 24.82 15.62 4.72
N ILE A 7 23.89 16.53 4.46
CA ILE A 7 22.90 16.95 5.44
C ILE A 7 21.65 16.12 5.19
N GLN A 8 21.21 15.34 6.18
CA GLN A 8 20.02 14.51 5.99
C GLN A 8 18.79 15.24 6.53
N PHE A 9 17.76 15.30 5.71
CA PHE A 9 16.52 15.99 6.05
C PHE A 9 15.54 14.94 6.53
N THR A 10 15.45 14.75 7.85
CA THR A 10 14.68 13.63 8.38
C THR A 10 13.22 13.70 7.98
N ARG A 11 12.67 14.88 7.73
N ARG A 11 12.71 14.90 7.71
CA ARG A 11 11.25 14.97 7.44
CA ARG A 11 11.30 15.13 7.46
C ARG A 11 10.95 15.06 5.96
C ARG A 11 10.96 15.13 5.97
N HIS A 12 11.98 15.06 5.10
CA HIS A 12 11.74 15.25 3.67
C HIS A 12 10.90 14.14 3.07
N ALA A 13 11.19 12.89 3.43
CA ALA A 13 10.50 11.79 2.78
C ALA A 13 9.02 11.80 3.16
N SER A 14 8.73 12.08 4.42
CA SER A 14 7.34 12.22 4.85
CA SER A 14 7.35 12.24 4.86
C SER A 14 6.66 13.39 4.15
N ASP A 15 7.36 14.52 3.99
CA ASP A 15 6.78 15.63 3.27
C ASP A 15 6.43 15.23 1.83
N VAL A 16 7.35 14.55 1.15
CA VAL A 16 7.07 14.03 -0.20
C VAL A 16 5.85 13.14 -0.15
N LEU A 17 5.83 12.19 0.77
CA LEU A 17 4.79 11.18 0.75
C LEU A 17 3.42 11.81 0.98
N LEU A 18 3.35 12.78 1.89
CA LEU A 18 2.09 13.46 2.14
C LEU A 18 1.64 14.20 0.90
N ASN A 19 2.58 14.77 0.15
CA ASN A 19 2.21 15.47 -1.06
C ASN A 19 1.75 14.51 -2.14
N LEU A 20 2.36 13.33 -2.20
CA LEU A 20 1.89 12.32 -3.13
C LEU A 20 0.47 11.86 -2.78
N ASN A 21 0.17 11.75 -1.49
CA ASN A 21 -1.20 11.44 -1.07
C ASN A 21 -2.16 12.55 -1.48
N ARG A 22 -1.73 13.81 -1.42
CA ARG A 22 -2.61 14.86 -1.87
C ARG A 22 -2.87 14.75 -3.36
N LEU A 23 -1.82 14.44 -4.13
CA LEU A 23 -2.01 14.19 -5.55
C LEU A 23 -3.01 13.06 -5.76
N ARG A 24 -2.88 11.98 -4.98
CA ARG A 24 -3.82 10.89 -5.15
C ARG A 24 -5.25 11.37 -4.86
N SER A 25 -5.43 12.12 -3.78
CA SER A 25 -6.75 12.62 -3.37
C SER A 25 -7.36 13.58 -4.38
N ARG A 26 -6.53 14.14 -5.26
CA ARG A 26 -7.02 14.97 -6.35
C ARG A 26 -6.91 14.30 -7.71
N ASP A 27 -6.57 13.02 -7.73
CA ASP A 27 -6.52 12.29 -8.99
C ASP A 27 -5.53 12.94 -9.96
N ILE A 28 -4.44 13.48 -9.43
CA ILE A 28 -3.43 14.13 -10.25
C ILE A 28 -2.35 13.09 -10.54
N LEU A 29 -2.22 12.72 -11.83
CA LEU A 29 -1.17 11.88 -12.39
C LEU A 29 -1.33 10.45 -11.92
N THR A 30 -2.47 10.13 -11.33
CA THR A 30 -2.81 8.73 -11.07
C THR A 30 -2.89 7.99 -12.38
N ASP A 31 -2.47 6.72 -12.37
CA ASP A 31 -2.35 6.00 -13.61
C ASP A 31 -2.83 4.55 -13.51
N VAL A 32 -3.47 4.16 -12.40
CA VAL A 32 -4.00 2.81 -12.28
C VAL A 32 -5.20 2.81 -11.34
N VAL A 33 -6.12 1.87 -11.57
CA VAL A 33 -7.19 1.62 -10.63
CA VAL A 33 -7.24 1.60 -10.68
C VAL A 33 -7.05 0.19 -10.16
N ILE A 34 -7.15 0.01 -8.84
CA ILE A 34 -7.10 -1.32 -8.22
C ILE A 34 -8.52 -1.70 -7.86
N VAL A 35 -8.94 -2.88 -8.30
CA VAL A 35 -10.33 -3.32 -8.15
C VAL A 35 -10.30 -4.42 -7.10
N VAL A 36 -11.02 -4.23 -6.02
CA VAL A 36 -11.08 -5.20 -4.92
C VAL A 36 -12.56 -5.37 -4.63
N SER A 37 -13.14 -6.51 -5.04
CA SER A 37 -14.57 -6.77 -4.93
C SER A 37 -15.32 -5.66 -5.67
N ARG A 38 -16.23 -4.93 -5.02
CA ARG A 38 -16.95 -3.85 -5.68
C ARG A 38 -16.29 -2.49 -5.50
N GLU A 39 -15.07 -2.44 -4.99
CA GLU A 39 -14.39 -1.18 -4.72
C GLU A 39 -13.37 -0.92 -5.81
N GLN A 40 -13.25 0.35 -6.19
CA GLN A 40 -12.19 0.78 -7.11
C GLN A 40 -11.37 1.82 -6.35
N PHE A 41 -10.05 1.70 -6.39
CA PHE A 41 -9.11 2.64 -5.77
C PHE A 41 -8.12 3.11 -6.82
N ARG A 42 -8.04 4.42 -7.04
CA ARG A 42 -7.04 4.97 -7.93
C ARG A 42 -5.73 5.21 -7.18
N ALA A 43 -4.62 5.07 -7.91
CA ALA A 43 -3.33 5.24 -7.29
C ALA A 43 -2.27 5.51 -8.34
N HIS A 44 -1.07 5.71 -7.86
CA HIS A 44 0.11 5.89 -8.69
C HIS A 44 0.88 4.59 -8.71
N LYS A 45 1.11 4.05 -9.91
CA LYS A 45 1.92 2.83 -10.02
C LYS A 45 3.27 2.98 -9.33
N THR A 46 3.94 4.13 -9.46
CA THR A 46 5.23 4.27 -8.80
C THR A 46 5.12 4.02 -7.30
N VAL A 47 4.10 4.60 -6.64
CA VAL A 47 3.94 4.39 -5.21
C VAL A 47 3.61 2.94 -4.91
N LEU A 48 2.72 2.33 -5.68
CA LEU A 48 2.40 0.93 -5.45
C LEU A 48 3.65 0.06 -5.54
N MET A 49 4.43 0.26 -6.60
CA MET A 49 5.68 -0.48 -6.78
C MET A 49 6.66 -0.26 -5.61
N ALA A 50 6.69 0.96 -5.07
CA ALA A 50 7.60 1.31 -4.00
C ALA A 50 7.17 0.73 -2.66
N CYS A 51 5.95 0.22 -2.56
CA CYS A 51 5.42 -0.18 -1.27
C CYS A 51 5.08 -1.65 -1.20
N SER A 52 5.11 -2.37 -2.32
CA SER A 52 4.51 -3.70 -2.39
C SER A 52 5.32 -4.59 -3.29
N GLY A 53 5.70 -5.75 -2.77
CA GLY A 53 6.34 -6.72 -3.61
C GLY A 53 5.44 -7.21 -4.73
N LEU A 54 4.15 -7.34 -4.43
CA LEU A 54 3.23 -7.84 -5.46
C LEU A 54 3.12 -6.83 -6.58
N PHE A 55 2.85 -5.57 -6.23
CA PHE A 55 2.72 -4.55 -7.28
C PHE A 55 4.05 -4.30 -7.99
N TYR A 56 5.17 -4.36 -7.26
CA TYR A 56 6.44 -4.24 -7.94
C TYR A 56 6.59 -5.32 -8.99
N SER A 57 6.30 -6.56 -8.60
CA SER A 57 6.46 -7.67 -9.51
CA SER A 57 6.45 -7.68 -9.50
C SER A 57 5.55 -7.55 -10.73
N ILE A 58 4.34 -7.00 -10.53
CA ILE A 58 3.42 -6.81 -11.64
C ILE A 58 3.97 -5.78 -12.62
N PHE A 59 4.20 -4.56 -12.12
CA PHE A 59 4.51 -3.47 -13.04
C PHE A 59 5.97 -3.40 -13.47
N THR A 60 6.90 -4.09 -12.83
CA THR A 60 8.26 -4.07 -13.38
C THR A 60 8.34 -4.89 -14.65
N ASP A 61 7.38 -5.80 -14.84
CA ASP A 61 7.30 -6.61 -16.04
C ASP A 61 6.95 -5.69 -17.21
N GLN A 62 7.84 -5.63 -18.20
CA GLN A 62 7.65 -4.74 -19.34
C GLN A 62 6.29 -4.92 -20.00
N LEU A 63 5.72 -6.12 -19.87
CA LEU A 63 4.45 -6.42 -20.53
C LEU A 63 3.26 -5.90 -19.74
N LYS A 64 3.33 -5.96 -18.41
CA LYS A 64 2.23 -5.58 -17.54
CA LYS A 64 2.23 -5.58 -17.54
C LYS A 64 2.34 -4.15 -17.03
N ARG A 65 3.41 -3.45 -17.37
CA ARG A 65 3.61 -2.10 -16.84
C ARG A 65 2.53 -1.14 -17.34
N ASN A 66 2.03 -1.34 -18.55
CA ASN A 66 1.08 -0.41 -19.16
C ASN A 66 -0.37 -0.66 -18.74
N LEU A 67 -0.61 -1.63 -17.85
CA LEU A 67 -1.97 -1.91 -17.43
C LEU A 67 -2.54 -0.74 -16.65
N SER A 68 -3.81 -0.43 -16.88
CA SER A 68 -4.47 0.64 -16.15
C SER A 68 -5.44 0.13 -15.09
N VAL A 69 -5.70 -1.18 -15.05
CA VAL A 69 -6.59 -1.78 -14.06
C VAL A 69 -5.97 -3.08 -13.59
N ILE A 70 -5.91 -3.26 -12.27
CA ILE A 70 -5.50 -4.51 -11.66
C ILE A 70 -6.63 -4.99 -10.78
N ASN A 71 -7.02 -6.25 -10.97
CA ASN A 71 -8.05 -6.91 -10.16
C ASN A 71 -7.37 -7.77 -9.11
N LEU A 72 -7.70 -7.51 -7.86
CA LEU A 72 -7.23 -8.34 -6.75
C LEU A 72 -8.22 -9.46 -6.48
N ASP A 73 -7.73 -10.46 -5.77
CA ASP A 73 -8.48 -11.68 -5.65
C ASP A 73 -9.78 -11.39 -4.89
N PRO A 74 -10.86 -12.08 -5.25
CA PRO A 74 -12.13 -11.90 -4.55
C PRO A 74 -12.09 -12.15 -3.05
N GLU A 75 -11.16 -12.98 -2.56
CA GLU A 75 -11.08 -13.23 -1.13
C GLU A 75 -10.35 -12.14 -0.38
N ILE A 76 -9.77 -11.13 -1.04
CA ILE A 76 -9.14 -10.01 -0.36
C ILE A 76 -10.21 -9.11 0.25
N ASN A 77 -10.02 -8.76 1.52
CA ASN A 77 -10.96 -7.93 2.26
C ASN A 77 -10.77 -6.51 1.77
N PRO A 78 -11.80 -5.87 1.19
CA PRO A 78 -11.61 -4.50 0.69
C PRO A 78 -11.21 -3.51 1.77
N GLU A 79 -11.71 -3.66 3.00
CA GLU A 79 -11.23 -2.78 4.08
C GLU A 79 -9.74 -3.02 4.36
N GLY A 80 -9.30 -4.28 4.40
CA GLY A 80 -7.88 -4.52 4.53
C GLY A 80 -7.08 -3.79 3.46
N PHE A 81 -7.55 -3.86 2.21
CA PHE A 81 -6.79 -3.19 1.18
C PHE A 81 -6.78 -1.67 1.36
N ASN A 82 -7.94 -1.12 1.69
CA ASN A 82 -8.03 0.33 1.88
C ASN A 82 -7.10 0.78 2.98
N ILE A 83 -6.99 -0.02 4.04
CA ILE A 83 -6.11 0.31 5.16
C ILE A 83 -4.66 0.30 4.71
N LEU A 84 -4.30 -0.70 3.92
CA LEU A 84 -2.93 -0.76 3.44
C LEU A 84 -2.63 0.34 2.42
N LEU A 85 -3.57 0.65 1.53
CA LEU A 85 -3.33 1.74 0.58
C LEU A 85 -3.12 3.06 1.31
N ASP A 86 -3.94 3.32 2.33
CA ASP A 86 -3.74 4.51 3.15
C ASP A 86 -2.37 4.48 3.82
N PHE A 87 -1.98 3.33 4.34
CA PHE A 87 -0.63 3.21 4.91
C PHE A 87 0.43 3.52 3.87
N MET A 88 0.29 2.98 2.66
CA MET A 88 1.27 3.25 1.65
C MET A 88 1.54 4.76 1.51
N TYR A 89 0.48 5.55 1.55
CA TYR A 89 0.56 6.96 1.26
C TYR A 89 0.70 7.83 2.50
N THR A 90 0.71 7.25 3.70
CA THR A 90 0.79 8.08 4.90
C THR A 90 1.75 7.59 5.95
N SER A 91 2.18 6.34 5.93
CA SER A 91 3.04 5.71 6.93
C SER A 91 2.28 5.33 8.19
N ARG A 92 0.98 5.57 8.26
N ARG A 92 0.98 5.61 8.26
CA ARG A 92 0.17 5.31 9.44
CA ARG A 92 0.17 5.32 9.43
C ARG A 92 -0.69 4.09 9.19
C ARG A 92 -0.66 4.07 9.17
N LEU A 93 -0.66 3.16 10.14
CA LEU A 93 -1.35 1.88 10.00
C LEU A 93 -2.43 1.80 11.07
N ASN A 94 -3.68 1.69 10.64
CA ASN A 94 -4.81 1.61 11.56
C ASN A 94 -5.07 0.14 11.85
N LEU A 95 -4.54 -0.32 12.98
CA LEU A 95 -4.48 -1.75 13.33
C LEU A 95 -5.23 -1.98 14.63
N ARG A 96 -6.23 -2.86 14.59
CA ARG A 96 -7.04 -3.12 15.76
C ARG A 96 -7.47 -4.59 15.77
N GLU A 97 -7.89 -5.07 16.94
CA GLU A 97 -8.21 -6.49 17.01
C GLU A 97 -9.27 -6.85 15.97
N GLY A 98 -10.20 -5.92 15.72
CA GLY A 98 -11.25 -6.13 14.73
C GLY A 98 -10.77 -6.28 13.30
N ASN A 99 -9.59 -5.75 12.98
CA ASN A 99 -9.13 -5.81 11.61
C ASN A 99 -7.75 -6.45 11.44
N ILE A 100 -7.09 -6.91 12.51
CA ILE A 100 -5.70 -7.31 12.35
C ILE A 100 -5.59 -8.46 11.35
N MET A 101 -6.48 -9.42 11.44
CA MET A 101 -6.30 -10.58 10.57
C MET A 101 -6.51 -10.17 9.12
N ALA A 102 -7.51 -9.32 8.84
CA ALA A 102 -7.65 -8.81 7.47
C ALA A 102 -6.44 -8.01 7.02
N VAL A 103 -5.92 -7.15 7.89
CA VAL A 103 -4.77 -6.37 7.49
C VAL A 103 -3.59 -7.29 7.23
N MET A 104 -3.40 -8.26 8.11
CA MET A 104 -2.25 -9.14 7.94
C MET A 104 -2.37 -10.01 6.70
N ALA A 105 -3.56 -10.57 6.43
CA ALA A 105 -3.73 -11.34 5.21
C ALA A 105 -3.45 -10.49 3.97
N THR A 106 -3.91 -9.25 4.00
CA THR A 106 -3.73 -8.39 2.84
C THR A 106 -2.27 -8.00 2.70
N ALA A 107 -1.60 -7.73 3.82
CA ALA A 107 -0.20 -7.36 3.74
C ALA A 107 0.64 -8.53 3.28
N MET A 108 0.27 -9.76 3.64
CA MET A 108 1.03 -10.89 3.11
C MET A 108 0.84 -10.99 1.60
N TYR A 109 -0.39 -10.82 1.15
CA TYR A 109 -0.72 -10.91 -0.27
C TYR A 109 0.00 -9.84 -1.04
N LEU A 110 0.02 -8.64 -0.50
CA LEU A 110 0.70 -7.54 -1.16
C LEU A 110 2.22 -7.59 -1.00
N GLN A 111 2.74 -8.45 -0.13
CA GLN A 111 4.16 -8.61 0.14
C GLN A 111 4.73 -7.32 0.73
N MET A 112 4.25 -7.04 1.94
CA MET A 112 4.62 -5.84 2.73
C MET A 112 5.14 -6.34 4.07
N GLU A 113 6.46 -6.54 4.15
N GLU A 113 6.47 -6.55 4.11
CA GLU A 113 7.04 -7.21 5.32
CA GLU A 113 7.13 -7.21 5.22
C GLU A 113 6.89 -6.38 6.60
C GLU A 113 6.93 -6.48 6.54
N HIS A 114 7.13 -5.06 6.55
N HIS A 114 7.09 -5.16 6.55
CA HIS A 114 7.12 -4.31 7.79
CA HIS A 114 7.11 -4.48 7.83
C HIS A 114 5.75 -4.42 8.46
C HIS A 114 5.73 -4.48 8.47
N VAL A 115 4.69 -4.33 7.66
CA VAL A 115 3.33 -4.43 8.19
C VAL A 115 3.09 -5.85 8.72
N VAL A 116 3.51 -6.87 7.97
CA VAL A 116 3.30 -8.23 8.44
C VAL A 116 4.02 -8.42 9.78
N ASP A 117 5.26 -7.95 9.87
CA ASP A 117 6.01 -8.06 11.12
C ASP A 117 5.30 -7.33 12.26
N THR A 118 4.76 -6.15 11.99
CA THR A 118 4.02 -5.39 13.00
C THR A 118 2.74 -6.13 13.41
N CYS A 119 2.05 -6.77 12.46
CA CYS A 119 0.92 -7.61 12.83
C CYS A 119 1.34 -8.74 13.76
N ARG A 120 2.51 -9.34 13.47
CA ARG A 120 3.04 -10.37 14.37
C ARG A 120 3.26 -9.81 15.76
N LYS A 121 3.88 -8.63 15.85
CA LYS A 121 4.06 -8.00 17.15
C LYS A 121 2.75 -7.73 17.86
N PHE A 122 1.75 -7.25 17.11
CA PHE A 122 0.41 -7.03 17.67
C PHE A 122 -0.15 -8.31 18.26
N ILE A 123 -0.09 -9.39 17.49
CA ILE A 123 -0.54 -10.69 17.96
C ILE A 123 0.21 -11.08 19.22
N LYS A 124 1.54 -10.96 19.18
CA LYS A 124 2.35 -11.36 20.32
C LYS A 124 2.07 -10.51 21.56
N ALA A 125 1.57 -9.30 21.37
CA ALA A 125 1.30 -8.38 22.47
C ALA A 125 -0.15 -8.41 22.94
N SER A 126 -0.98 -9.24 22.32
CA SER A 126 -2.37 -9.42 22.75
C SER A 126 -2.51 -10.73 23.51
N GLU A 127 -3.53 -10.79 24.36
CA GLU A 127 -3.75 -12.00 25.15
C GLU A 127 -4.55 -13.01 24.33
#